data_3TZ5
#
_entry.id   3TZ5
#
_cell.length_a   127.703
_cell.length_b   127.703
_cell.length_c   73.871
_cell.angle_alpha   90.00
_cell.angle_beta   90.00
_cell.angle_gamma   90.00
#
_symmetry.space_group_name_H-M   'P 42 21 2'
#
loop_
_entity.id
_entity.type
_entity.pdbx_description
1 polymer '[3-methyl-2-oxobutanoate dehydrogenase [lipoamide]] kinase, mitochondrial'
2 non-polymer "ADENOSINE-5'-DIPHOSPHATE"
3 non-polymer 'MAGNESIUM ION'
4 non-polymer 'POTASSIUM ION'
5 non-polymer '4-PHENYL-BUTANOIC ACID'
6 water water
#
_entity_poly.entity_id   1
_entity_poly.type   'polypeptide(L)'
_entity_poly.pdbx_seq_one_letter_code
;MILTSVLGSGPRSGSSLWPLLGSSLSLRVRSTSATDTHHVELARERSKTVTSFYNQSAIDVVAEKPSVRLTPTMMLYSGR
SQDGSHLLKSGRYLQQELPVRIAHRIKGFRSLPFIIGCNPTILHVHELYIRAFQKLTDFPPIKDQADEAQYCQLVRQLLD
DHKDVVTLLAEGLRESRKHIEDEKLVRYFLDKTLTSRLGIRMLATHHLALHEDKPDFVGIICTRLSPKKIIEKWVDFARR
LCEHKYGNAPRVRINGHVAARFPFIPMPLDYILPELLKNAMRATMESHLDTPYNVPDVVITIANNDVDLIIRISDRGGGI
AHKDLDRVMDYHFTTAEASTQDPRISPLFGHLDMHSGGQSGPMHGFGFGLPTSRAYAEYLGGSLQLQSLQGIGTDVYLRL
RHIDGREESFRIHHHHHH
;
_entity_poly.pdbx_strand_id   A
#
loop_
_chem_comp.id
_chem_comp.type
_chem_comp.name
_chem_comp.formula
ADP non-polymer ADENOSINE-5'-DIPHOSPHATE 'C10 H15 N5 O10 P2'
CLT non-polymer '4-PHENYL-BUTANOIC ACID' 'C10 H12 O2'
K non-polymer 'POTASSIUM ION' 'K 1'
MG non-polymer 'MAGNESIUM ION' 'Mg 2'
#
# COMPACT_ATOMS: atom_id res chain seq x y z
N SER A 67 6.31 6.35 -23.76
CA SER A 67 5.44 7.19 -22.93
C SER A 67 5.36 6.64 -21.50
N VAL A 68 5.43 7.54 -20.52
CA VAL A 68 5.57 7.13 -19.13
C VAL A 68 4.75 7.95 -18.12
N ARG A 69 4.58 7.39 -16.93
CA ARG A 69 4.03 8.12 -15.81
C ARG A 69 5.04 7.97 -14.68
N LEU A 70 5.68 9.06 -14.28
CA LEU A 70 6.72 8.97 -13.27
C LEU A 70 6.23 8.47 -11.90
N THR A 71 7.01 7.55 -11.31
CA THR A 71 6.90 7.14 -9.92
C THR A 71 8.29 7.46 -9.32
N PRO A 72 8.46 7.45 -7.99
CA PRO A 72 9.80 7.83 -7.53
C PRO A 72 10.92 6.97 -8.12
N THR A 73 11.86 7.61 -8.83
CA THR A 73 13.00 6.93 -9.46
C THR A 73 12.61 5.83 -10.47
N MET A 74 11.33 5.82 -10.87
CA MET A 74 10.82 4.80 -11.77
C MET A 74 9.65 5.28 -12.59
N MET A 75 9.36 4.57 -13.68
CA MET A 75 8.34 5.01 -14.61
C MET A 75 7.40 3.88 -14.99
N LEU A 76 6.10 4.20 -15.02
CA LEU A 76 5.10 3.26 -15.49
C LEU A 76 4.90 3.44 -16.99
N TYR A 77 5.45 2.51 -17.76
CA TYR A 77 5.45 2.57 -19.23
C TYR A 77 4.04 2.68 -19.80
N SER A 78 3.79 3.78 -20.51
CA SER A 78 2.53 3.96 -21.24
C SER A 78 2.85 3.85 -22.73
N GLY A 79 2.35 2.80 -23.37
CA GLY A 79 2.71 2.55 -24.76
C GLY A 79 1.68 1.71 -25.44
N ARG A 80 1.55 1.90 -26.75
CA ARG A 80 0.55 1.17 -27.51
C ARG A 80 1.04 0.87 -28.92
N SER A 81 1.74 -0.24 -29.06
CA SER A 81 2.10 -0.75 -30.38
C SER A 81 1.19 -1.93 -30.67
N GLN A 82 0.65 -1.97 -31.89
CA GLN A 82 -0.20 -3.09 -32.30
C GLN A 82 0.61 -4.37 -32.45
N ASP A 83 1.82 -4.24 -32.99
CA ASP A 83 2.73 -5.38 -33.12
C ASP A 83 2.96 -6.08 -31.78
N GLY A 84 2.92 -5.31 -30.69
CA GLY A 84 3.21 -5.83 -29.36
C GLY A 84 4.63 -5.47 -28.95
N SER A 85 5.17 -4.46 -29.61
CA SER A 85 6.55 -4.03 -29.39
C SER A 85 6.75 -3.43 -27.99
N HIS A 86 5.77 -2.63 -27.56
CA HIS A 86 5.82 -1.96 -26.26
C HIS A 86 6.01 -2.95 -25.10
N LEU A 87 5.45 -4.14 -25.25
CA LEU A 87 5.60 -5.23 -24.30
C LEU A 87 7.07 -5.66 -24.12
N LEU A 88 7.86 -5.53 -25.18
CA LEU A 88 9.26 -5.94 -25.12
C LEU A 88 10.06 -4.86 -24.45
N LYS A 89 9.72 -3.61 -24.74
CA LYS A 89 10.40 -2.49 -24.12
C LYS A 89 10.15 -2.53 -22.62
N SER A 90 8.89 -2.75 -22.24
CA SER A 90 8.53 -2.90 -20.83
C SER A 90 9.31 -4.05 -20.20
N GLY A 91 9.17 -5.24 -20.76
CA GLY A 91 9.84 -6.42 -20.25
C GLY A 91 11.31 -6.19 -20.01
N ARG A 92 11.98 -5.58 -20.98
CA ARG A 92 13.40 -5.31 -20.88
C ARG A 92 13.69 -4.33 -19.75
N TYR A 93 12.80 -3.35 -19.58
CA TYR A 93 12.90 -2.42 -18.47
C TYR A 93 12.89 -3.17 -17.13
N LEU A 94 11.85 -3.96 -16.90
CA LEU A 94 11.76 -4.77 -15.68
C LEU A 94 13.01 -5.61 -15.47
N GLN A 95 13.45 -6.26 -16.54
CA GLN A 95 14.61 -7.14 -16.49
C GLN A 95 15.84 -6.34 -16.07
N GLN A 96 15.87 -5.07 -16.45
CA GLN A 96 16.95 -4.17 -16.04
C GLN A 96 16.75 -3.67 -14.60
N GLU A 97 15.49 -3.43 -14.23
CA GLU A 97 15.17 -2.71 -13.01
C GLU A 97 14.97 -3.58 -11.77
N LEU A 98 14.31 -4.72 -11.94
CA LEU A 98 13.94 -5.50 -10.78
C LEU A 98 15.12 -6.05 -9.98
N PRO A 99 16.12 -6.63 -10.66
CA PRO A 99 17.21 -7.25 -9.90
C PRO A 99 17.95 -6.22 -9.05
N VAL A 100 18.10 -5.01 -9.58
CA VAL A 100 18.79 -3.97 -8.83
C VAL A 100 18.05 -3.68 -7.54
N ARG A 101 16.74 -3.45 -7.66
CA ARG A 101 15.94 -3.13 -6.48
C ARG A 101 15.90 -4.28 -5.48
N ILE A 102 15.90 -5.51 -5.97
CA ILE A 102 15.92 -6.66 -5.09
C ILE A 102 17.25 -6.70 -4.34
N ALA A 103 18.32 -6.37 -5.06
CA ALA A 103 19.66 -6.31 -4.48
C ALA A 103 19.68 -5.32 -3.32
N HIS A 104 19.13 -4.13 -3.54
CA HIS A 104 19.03 -3.15 -2.45
C HIS A 104 18.29 -3.71 -1.25
N ARG A 105 17.26 -4.50 -1.48
CA ARG A 105 16.53 -5.07 -0.36
C ARG A 105 17.36 -6.13 0.33
N ILE A 106 18.11 -6.90 -0.44
CA ILE A 106 19.01 -7.90 0.18
C ILE A 106 20.07 -7.20 1.04
N LYS A 107 20.66 -6.11 0.54
CA LYS A 107 21.60 -5.32 1.33
C LYS A 107 20.94 -4.84 2.64
N GLY A 108 19.67 -4.45 2.55
CA GLY A 108 18.90 -4.08 3.73
C GLY A 108 18.81 -5.20 4.76
N PHE A 109 18.57 -6.42 4.30
CA PHE A 109 18.57 -7.56 5.22
C PHE A 109 19.93 -7.84 5.84
N ARG A 110 20.99 -7.67 5.04
CA ARG A 110 22.36 -7.92 5.54
C ARG A 110 22.78 -6.95 6.61
N SER A 111 22.18 -5.76 6.59
CA SER A 111 22.60 -4.71 7.51
C SER A 111 21.72 -4.63 8.73
N LEU A 112 20.70 -5.49 8.78
CA LEU A 112 19.88 -5.57 9.99
C LEU A 112 20.76 -5.98 11.14
N PRO A 113 20.46 -5.45 12.34
CA PRO A 113 21.09 -5.94 13.57
C PRO A 113 21.06 -7.46 13.60
N PHE A 114 22.21 -8.05 13.87
CA PHE A 114 22.44 -9.49 13.82
C PHE A 114 21.35 -10.32 14.51
N ILE A 115 21.02 -9.95 15.74
CA ILE A 115 20.00 -10.60 16.57
C ILE A 115 18.63 -10.65 15.86
N ILE A 116 18.28 -9.57 15.17
CA ILE A 116 17.05 -9.52 14.37
C ILE A 116 17.18 -10.34 13.08
N GLY A 117 18.24 -10.11 12.32
CA GLY A 117 18.47 -10.86 11.10
C GLY A 117 18.49 -12.38 11.30
N CYS A 118 18.80 -12.82 12.52
CA CYS A 118 18.88 -14.25 12.84
C CYS A 118 17.53 -14.86 13.13
N ASN A 119 16.53 -14.02 13.36
CA ASN A 119 15.16 -14.49 13.53
C ASN A 119 14.75 -15.35 12.34
N PRO A 120 14.21 -16.55 12.62
CA PRO A 120 13.83 -17.54 11.60
C PRO A 120 12.90 -16.99 10.53
N THR A 121 11.91 -16.19 10.91
CA THR A 121 11.04 -15.58 9.93
C THR A 121 11.76 -14.52 9.10
N ILE A 122 12.51 -13.65 9.77
CA ILE A 122 13.31 -12.68 9.05
C ILE A 122 14.25 -13.43 8.10
N LEU A 123 14.84 -14.50 8.58
CA LEU A 123 15.72 -15.29 7.74
C LEU A 123 14.98 -15.83 6.51
N HIS A 124 13.81 -16.39 6.74
CA HIS A 124 12.98 -16.89 5.64
C HIS A 124 12.73 -15.82 4.55
N VAL A 125 12.28 -14.64 4.96
CA VAL A 125 12.03 -13.57 3.98
C VAL A 125 13.33 -13.21 3.27
N HIS A 126 14.39 -13.13 4.07
CA HIS A 126 15.74 -12.91 3.58
C HIS A 126 16.06 -13.91 2.44
N GLU A 127 15.81 -15.19 2.69
CA GLU A 127 15.99 -16.24 1.66
C GLU A 127 15.11 -16.03 0.41
N LEU A 128 13.84 -15.67 0.63
CA LEU A 128 12.94 -15.39 -0.50
C LEU A 128 13.55 -14.35 -1.42
N TYR A 129 14.05 -13.28 -0.81
CA TYR A 129 14.62 -12.21 -1.59
C TYR A 129 15.84 -12.66 -2.38
N ILE A 130 16.65 -13.52 -1.78
CA ILE A 130 17.79 -14.07 -2.50
C ILE A 130 17.28 -14.95 -3.65
N ARG A 131 16.33 -15.84 -3.36
CA ARG A 131 15.74 -16.67 -4.43
C ARG A 131 15.25 -15.79 -5.58
N ALA A 132 14.53 -14.73 -5.21
CA ALA A 132 13.98 -13.81 -6.20
C ALA A 132 15.10 -13.24 -7.07
N PHE A 133 16.18 -12.82 -6.43
CA PHE A 133 17.30 -12.29 -7.19
C PHE A 133 17.90 -13.36 -8.08
N GLN A 134 18.08 -14.56 -7.53
CA GLN A 134 18.59 -15.65 -8.35
C GLN A 134 17.75 -15.88 -9.61
N LYS A 135 16.44 -16.06 -9.44
CA LYS A 135 15.58 -16.34 -10.59
C LYS A 135 15.58 -15.20 -11.60
N LEU A 136 15.61 -13.97 -11.10
CA LEU A 136 15.55 -12.83 -11.99
C LEU A 136 16.83 -12.72 -12.81
N THR A 137 17.97 -12.90 -12.14
CA THR A 137 19.23 -12.76 -12.86
C THR A 137 19.47 -13.98 -13.77
N ASP A 138 19.05 -15.15 -13.33
CA ASP A 138 19.16 -16.35 -14.16
C ASP A 138 18.32 -16.25 -15.43
N PHE A 139 17.34 -15.37 -15.44
CA PHE A 139 16.48 -15.29 -16.62
C PHE A 139 17.20 -14.63 -17.80
N PRO A 140 17.10 -15.26 -18.98
CA PRO A 140 17.82 -14.83 -20.18
C PRO A 140 17.27 -13.51 -20.72
N PRO A 141 18.16 -12.67 -21.27
CA PRO A 141 17.73 -11.42 -21.89
C PRO A 141 16.57 -11.67 -22.84
N ILE A 142 15.59 -10.76 -22.84
CA ILE A 142 14.38 -10.91 -23.64
C ILE A 142 14.61 -10.47 -25.08
N LYS A 143 14.28 -11.35 -26.03
CA LYS A 143 14.51 -11.05 -27.44
C LYS A 143 13.23 -11.03 -28.25
N ASP A 144 12.23 -11.77 -27.77
CA ASP A 144 10.98 -11.92 -28.51
C ASP A 144 9.78 -12.10 -27.60
N GLN A 145 8.58 -12.02 -28.18
CA GLN A 145 7.37 -12.17 -27.39
C GLN A 145 7.39 -13.45 -26.56
N ALA A 146 7.97 -14.50 -27.11
CA ALA A 146 7.99 -15.79 -26.42
C ALA A 146 8.80 -15.71 -25.13
N ASP A 147 9.89 -14.96 -25.17
CA ASP A 147 10.66 -14.68 -23.95
C ASP A 147 9.79 -13.92 -22.96
N GLU A 148 9.36 -12.73 -23.38
CA GLU A 148 8.53 -11.85 -22.58
C GLU A 148 7.38 -12.64 -21.96
N ALA A 149 6.75 -13.50 -22.75
CA ALA A 149 5.61 -14.25 -22.26
C ALA A 149 6.03 -15.11 -21.09
N GLN A 150 7.26 -15.59 -21.14
CA GLN A 150 7.76 -16.47 -20.10
C GLN A 150 8.24 -15.68 -18.89
N TYR A 151 8.90 -14.55 -19.13
CA TYR A 151 9.21 -13.64 -18.04
C TYR A 151 7.94 -13.36 -17.20
N CYS A 152 6.82 -13.07 -17.86
CA CYS A 152 5.55 -12.84 -17.15
C CYS A 152 5.18 -13.99 -16.22
N GLN A 153 5.49 -15.21 -16.61
CA GLN A 153 5.21 -16.36 -15.76
C GLN A 153 6.05 -16.28 -14.47
N LEU A 154 7.27 -15.79 -14.63
CA LEU A 154 8.19 -15.66 -13.50
C LEU A 154 7.71 -14.53 -12.57
N VAL A 155 7.47 -13.35 -13.14
CA VAL A 155 6.89 -12.23 -12.41
C VAL A 155 5.66 -12.66 -11.57
N ARG A 156 4.73 -13.38 -12.20
CA ARG A 156 3.54 -13.84 -11.49
CA ARG A 156 3.53 -13.86 -11.51
C ARG A 156 3.90 -14.75 -10.32
N GLN A 157 4.84 -15.66 -10.55
CA GLN A 157 5.26 -16.56 -9.49
C GLN A 157 5.87 -15.76 -8.33
N LEU A 158 6.72 -14.79 -8.67
CA LEU A 158 7.32 -13.95 -7.65
C LEU A 158 6.24 -13.17 -6.87
N LEU A 159 5.34 -12.50 -7.61
CA LEU A 159 4.26 -11.77 -6.94
C LEU A 159 3.57 -12.64 -5.88
N ASP A 160 3.22 -13.86 -6.29
CA ASP A 160 2.53 -14.79 -5.40
C ASP A 160 3.41 -15.30 -4.25
N ASP A 161 4.66 -15.66 -4.55
CA ASP A 161 5.57 -16.14 -3.50
C ASP A 161 5.76 -15.09 -2.41
N HIS A 162 5.76 -13.82 -2.79
CA HIS A 162 6.00 -12.73 -1.86
C HIS A 162 4.75 -12.05 -1.27
N LYS A 163 3.57 -12.65 -1.47
CA LYS A 163 2.34 -11.95 -1.12
C LYS A 163 2.15 -11.82 0.38
N ASP A 164 2.83 -12.66 1.16
CA ASP A 164 2.68 -12.58 2.62
C ASP A 164 3.82 -11.85 3.31
N VAL A 165 4.69 -11.25 2.52
CA VAL A 165 5.93 -10.70 3.04
C VAL A 165 5.74 -9.69 4.18
N VAL A 166 4.77 -8.78 4.05
CA VAL A 166 4.52 -7.80 5.10
C VAL A 166 4.16 -8.49 6.41
N THR A 167 3.35 -9.52 6.33
CA THR A 167 2.94 -10.23 7.52
C THR A 167 4.11 -10.93 8.19
N LEU A 168 4.96 -11.53 7.38
CA LEU A 168 6.11 -12.29 7.86
C LEU A 168 7.08 -11.32 8.54
N LEU A 169 7.32 -10.17 7.92
CA LEU A 169 8.16 -9.14 8.50
C LEU A 169 7.59 -8.64 9.82
N ALA A 170 6.28 -8.44 9.86
CA ALA A 170 5.65 -7.96 11.09
C ALA A 170 5.93 -8.96 12.21
N GLU A 171 5.62 -10.22 11.96
CA GLU A 171 5.78 -11.25 12.96
C GLU A 171 7.26 -11.46 13.31
N GLY A 172 8.12 -11.40 12.30
CA GLY A 172 9.54 -11.60 12.53
C GLY A 172 10.14 -10.54 13.45
N LEU A 173 9.60 -9.33 13.39
CA LEU A 173 10.19 -8.21 14.08
C LEU A 173 9.52 -7.96 15.40
N ARG A 174 8.33 -8.49 15.56
CA ARG A 174 7.52 -8.15 16.72
C ARG A 174 8.35 -8.29 17.99
N GLU A 175 8.99 -9.45 18.13
CA GLU A 175 9.80 -9.70 19.31
C GLU A 175 11.22 -9.21 19.16
N SER A 176 11.89 -9.70 18.13
CA SER A 176 13.28 -9.33 17.87
C SER A 176 13.63 -7.83 18.01
N ARG A 177 12.63 -6.95 17.82
CA ARG A 177 12.89 -5.51 17.78
C ARG A 177 13.09 -4.92 19.18
N LYS A 178 12.52 -5.60 20.18
CA LYS A 178 12.60 -5.17 21.57
C LYS A 178 14.06 -5.11 22.02
N HIS A 179 14.87 -5.97 21.41
CA HIS A 179 16.23 -6.19 21.86
C HIS A 179 17.20 -5.05 21.60
N ILE A 180 17.18 -4.51 20.39
CA ILE A 180 18.12 -3.45 20.05
C ILE A 180 17.78 -2.09 20.69
N GLU A 181 18.83 -1.29 20.86
CA GLU A 181 18.76 0.03 21.46
C GLU A 181 18.05 1.01 20.54
N ASP A 182 18.42 0.97 19.26
CA ASP A 182 17.96 1.95 18.28
C ASP A 182 16.55 1.68 17.77
N GLU A 183 15.59 2.42 18.34
CA GLU A 183 14.19 2.20 18.04
C GLU A 183 13.85 2.60 16.61
N LYS A 184 14.48 3.68 16.15
CA LYS A 184 14.14 4.19 14.82
C LYS A 184 14.81 3.38 13.69
N LEU A 185 15.68 2.45 14.05
CA LEU A 185 16.33 1.61 13.06
C LEU A 185 15.34 0.69 12.33
N VAL A 186 14.39 0.13 13.08
CA VAL A 186 13.38 -0.75 12.50
C VAL A 186 12.40 0.04 11.63
N ARG A 187 11.96 1.18 12.14
CA ARG A 187 11.15 2.10 11.35
C ARG A 187 11.79 2.39 10.01
N TYR A 188 13.07 2.75 10.04
CA TYR A 188 13.78 3.01 8.79
C TYR A 188 13.79 1.77 7.89
N PHE A 189 14.05 0.62 8.47
CA PHE A 189 14.09 -0.63 7.70
C PHE A 189 12.72 -0.96 7.09
N LEU A 190 11.69 -0.98 7.92
CA LEU A 190 10.34 -1.25 7.44
C LEU A 190 9.91 -0.22 6.39
N ASP A 191 10.08 1.07 6.69
CA ASP A 191 9.70 2.11 5.74
C ASP A 191 10.31 1.86 4.37
N LYS A 192 11.63 1.64 4.38
CA LYS A 192 12.40 1.47 3.15
C LYS A 192 12.01 0.19 2.42
N THR A 193 11.84 -0.88 3.19
CA THR A 193 11.53 -2.18 2.61
C THR A 193 10.11 -2.24 2.04
N LEU A 194 9.13 -1.84 2.84
CA LEU A 194 7.73 -1.87 2.42
C LEU A 194 7.49 -0.99 1.20
N THR A 195 8.09 0.19 1.16
CA THR A 195 7.87 1.08 0.03
C THR A 195 8.60 0.61 -1.25
N SER A 196 9.84 0.14 -1.11
CA SER A 196 10.56 -0.44 -2.25
C SER A 196 9.74 -1.59 -2.79
N ARG A 197 9.24 -2.41 -1.89
CA ARG A 197 8.38 -3.51 -2.28
C ARG A 197 7.13 -3.05 -3.01
N LEU A 198 6.49 -2.00 -2.51
CA LEU A 198 5.29 -1.48 -3.17
C LEU A 198 5.66 -1.07 -4.60
N GLY A 199 6.78 -0.35 -4.71
CA GLY A 199 7.29 0.06 -5.99
C GLY A 199 7.51 -1.10 -6.94
N ILE A 200 8.10 -2.17 -6.42
CA ILE A 200 8.42 -3.34 -7.22
C ILE A 200 7.14 -4.01 -7.72
N ARG A 201 6.18 -4.19 -6.82
CA ARG A 201 4.95 -4.88 -7.17
C ARG A 201 4.09 -4.04 -8.11
N MET A 202 4.25 -2.73 -8.06
CA MET A 202 3.49 -1.84 -8.93
C MET A 202 3.99 -1.96 -10.37
N LEU A 203 5.30 -1.80 -10.54
CA LEU A 203 5.95 -1.98 -11.83
C LEU A 203 5.65 -3.36 -12.42
N ALA A 204 5.73 -4.39 -11.58
CA ALA A 204 5.51 -5.76 -12.01
C ALA A 204 4.08 -5.95 -12.44
N THR A 205 3.15 -5.56 -11.58
CA THR A 205 1.73 -5.67 -11.86
C THR A 205 1.34 -4.83 -13.10
N HIS A 206 1.97 -3.67 -13.24
CA HIS A 206 1.72 -2.84 -14.41
C HIS A 206 2.10 -3.57 -15.71
N HIS A 207 3.27 -4.22 -15.71
CA HIS A 207 3.71 -4.97 -16.89
C HIS A 207 2.70 -6.03 -17.28
N LEU A 208 2.30 -6.85 -16.31
CA LEU A 208 1.29 -7.86 -16.55
C LEU A 208 -0.01 -7.25 -17.07
N ALA A 209 -0.35 -6.06 -16.58
CA ALA A 209 -1.65 -5.49 -16.87
C ALA A 209 -1.68 -4.97 -18.31
N LEU A 210 -0.51 -4.61 -18.84
CA LEU A 210 -0.39 -4.27 -20.24
C LEU A 210 -0.82 -5.42 -21.19
N HIS A 211 -0.92 -6.64 -20.68
CA HIS A 211 -1.42 -7.78 -21.48
C HIS A 211 -2.93 -7.85 -21.46
N GLU A 212 -3.57 -6.99 -20.68
CA GLU A 212 -5.02 -7.03 -20.59
C GLU A 212 -5.66 -6.02 -21.53
N ASP A 213 -6.93 -6.25 -21.84
CA ASP A 213 -7.64 -5.34 -22.71
C ASP A 213 -8.75 -4.63 -21.94
N LYS A 214 -8.55 -4.46 -20.64
CA LYS A 214 -9.49 -3.70 -19.82
C LYS A 214 -9.64 -2.31 -20.42
N PRO A 215 -10.89 -1.85 -20.52
CA PRO A 215 -11.19 -0.47 -20.93
C PRO A 215 -10.97 0.51 -19.79
N ASP A 216 -10.52 1.71 -20.13
CA ASP A 216 -10.24 2.74 -19.11
C ASP A 216 -9.08 2.32 -18.22
N PHE A 217 -8.22 1.46 -18.75
CA PHE A 217 -7.01 1.04 -18.08
C PHE A 217 -5.87 0.98 -19.06
N VAL A 218 -4.78 1.66 -18.73
CA VAL A 218 -3.51 1.48 -19.40
C VAL A 218 -2.60 0.83 -18.36
N GLY A 219 -2.59 -0.49 -18.34
CA GLY A 219 -1.83 -1.23 -17.34
C GLY A 219 -2.56 -1.19 -16.02
N ILE A 220 -1.91 -0.71 -14.96
CA ILE A 220 -2.62 -0.55 -13.69
C ILE A 220 -3.24 0.84 -13.54
N ILE A 221 -2.91 1.74 -14.48
CA ILE A 221 -3.44 3.09 -14.47
C ILE A 221 -4.86 3.22 -15.01
N CYS A 222 -5.82 3.44 -14.12
CA CYS A 222 -7.17 3.84 -14.53
C CYS A 222 -7.11 5.20 -15.24
N THR A 223 -7.65 5.25 -16.46
CA THR A 223 -7.66 6.49 -17.21
C THR A 223 -8.68 7.50 -16.67
N ARG A 224 -9.72 7.00 -16.03
CA ARG A 224 -10.77 7.85 -15.48
C ARG A 224 -11.26 7.32 -14.13
N LEU A 225 -10.39 7.38 -13.12
CA LEU A 225 -10.74 6.90 -11.79
C LEU A 225 -11.62 7.89 -11.03
N SER A 226 -12.67 7.36 -10.42
CA SER A 226 -13.57 8.13 -9.59
C SER A 226 -13.26 7.84 -8.13
N PRO A 227 -12.74 8.86 -7.43
CA PRO A 227 -12.44 8.68 -6.00
C PRO A 227 -13.66 8.18 -5.23
N LYS A 228 -14.85 8.72 -5.52
CA LYS A 228 -16.05 8.26 -4.82
C LYS A 228 -16.29 6.76 -4.99
N LYS A 229 -16.17 6.26 -6.22
CA LYS A 229 -16.46 4.86 -6.51
C LYS A 229 -15.48 3.97 -5.75
N ILE A 230 -14.20 4.31 -5.75
CA ILE A 230 -13.23 3.44 -5.08
C ILE A 230 -13.39 3.49 -3.55
N ILE A 231 -13.72 4.67 -3.04
CA ILE A 231 -14.05 4.80 -1.62
C ILE A 231 -15.24 3.92 -1.22
N GLU A 232 -16.33 4.04 -1.97
CA GLU A 232 -17.52 3.18 -1.76
C GLU A 232 -17.19 1.70 -1.79
N LYS A 233 -16.31 1.30 -2.69
CA LYS A 233 -15.86 -0.09 -2.75
C LYS A 233 -15.29 -0.51 -1.41
N TRP A 234 -14.42 0.31 -0.85
CA TRP A 234 -13.78 -0.04 0.40
C TRP A 234 -14.65 0.24 1.62
N VAL A 235 -15.62 1.16 1.49
CA VAL A 235 -16.64 1.29 2.54
C VAL A 235 -17.43 -0.01 2.75
N ASP A 236 -18.02 -0.54 1.66
CA ASP A 236 -18.79 -1.80 1.74
C ASP A 236 -17.96 -2.90 2.37
N PHE A 237 -16.72 -3.02 1.93
CA PHE A 237 -15.79 -3.99 2.51
C PHE A 237 -15.57 -3.80 4.02
N ALA A 238 -15.27 -2.57 4.43
CA ALA A 238 -14.97 -2.32 5.84
C ALA A 238 -16.23 -2.43 6.69
N ARG A 239 -17.37 -2.03 6.14
CA ARG A 239 -18.64 -2.17 6.86
C ARG A 239 -18.93 -3.63 7.20
N ARG A 240 -18.90 -4.50 6.21
CA ARG A 240 -19.04 -5.94 6.43
C ARG A 240 -18.12 -6.49 7.53
N LEU A 241 -16.82 -6.25 7.42
CA LEU A 241 -15.93 -6.65 8.50
C LEU A 241 -16.47 -6.19 9.85
N CYS A 242 -16.99 -4.96 9.87
CA CYS A 242 -17.38 -4.30 11.10
C CYS A 242 -18.70 -4.84 11.63
N GLU A 243 -19.69 -4.98 10.76
CA GLU A 243 -20.94 -5.65 11.12
C GLU A 243 -20.67 -7.06 11.63
N HIS A 244 -19.71 -7.75 11.04
CA HIS A 244 -19.43 -9.10 11.48
C HIS A 244 -19.00 -9.10 12.94
N LYS A 245 -18.12 -8.16 13.31
CA LYS A 245 -17.56 -8.13 14.65
C LYS A 245 -18.43 -7.43 15.70
N TYR A 246 -19.28 -6.51 15.27
CA TYR A 246 -20.00 -5.65 16.21
C TYR A 246 -21.52 -5.71 16.09
N GLY A 247 -22.02 -6.22 14.95
CA GLY A 247 -23.45 -6.31 14.73
C GLY A 247 -23.98 -5.11 13.99
N ASN A 248 -23.15 -4.08 13.87
CA ASN A 248 -23.50 -2.90 13.09
C ASN A 248 -22.22 -2.24 12.58
N ALA A 249 -22.38 -1.21 11.76
CA ALA A 249 -21.25 -0.45 11.28
C ALA A 249 -21.73 0.97 11.04
N PRO A 250 -20.86 1.95 11.29
CA PRO A 250 -21.25 3.32 10.98
C PRO A 250 -21.62 3.41 9.51
N ARG A 251 -22.60 4.25 9.20
CA ARG A 251 -22.84 4.62 7.83
C ARG A 251 -21.71 5.53 7.40
N VAL A 252 -21.59 5.76 6.11
CA VAL A 252 -20.53 6.62 5.63
C VAL A 252 -21.12 7.57 4.62
N ARG A 253 -20.87 8.86 4.79
CA ARG A 253 -21.31 9.84 3.83
C ARG A 253 -20.09 10.39 3.14
N ILE A 254 -20.25 10.72 1.87
CA ILE A 254 -19.17 11.20 1.07
C ILE A 254 -19.60 12.52 0.48
N ASN A 255 -18.78 13.55 0.65
CA ASN A 255 -19.07 14.88 0.14
C ASN A 255 -17.86 15.53 -0.52
N GLY A 256 -18.02 16.76 -0.99
CA GLY A 256 -16.98 17.41 -1.78
C GLY A 256 -17.06 17.07 -3.26
N HIS A 257 -15.91 16.96 -3.91
CA HIS A 257 -15.89 16.67 -5.35
C HIS A 257 -16.26 15.20 -5.70
N VAL A 258 -17.50 14.85 -5.42
CA VAL A 258 -17.99 13.50 -5.59
C VAL A 258 -18.09 13.05 -7.05
N ALA A 259 -17.87 13.97 -7.98
CA ALA A 259 -18.08 13.67 -9.40
C ALA A 259 -16.76 13.70 -10.13
N ALA A 260 -15.68 13.86 -9.37
CA ALA A 260 -14.38 13.97 -9.97
C ALA A 260 -14.00 12.65 -10.67
N ARG A 261 -13.29 12.77 -11.79
CA ARG A 261 -12.74 11.62 -12.47
C ARG A 261 -11.46 12.06 -13.11
N PHE A 262 -10.41 11.26 -12.92
CA PHE A 262 -9.11 11.60 -13.45
C PHE A 262 -8.27 10.34 -13.50
N PRO A 263 -7.20 10.36 -14.29
CA PRO A 263 -6.27 9.22 -14.33
C PRO A 263 -5.58 9.04 -12.98
N PHE A 264 -5.44 7.79 -12.53
CA PHE A 264 -4.88 7.52 -11.22
C PHE A 264 -4.62 6.03 -11.07
N ILE A 265 -3.59 5.69 -10.30
CA ILE A 265 -3.30 4.28 -10.00
C ILE A 265 -4.01 3.84 -8.72
N PRO A 266 -5.01 2.97 -8.86
CA PRO A 266 -5.79 2.61 -7.67
C PRO A 266 -5.01 1.83 -6.61
N MET A 267 -3.92 1.19 -6.99
CA MET A 267 -3.24 0.21 -6.11
C MET A 267 -2.99 0.73 -4.67
N PRO A 268 -2.35 1.91 -4.54
CA PRO A 268 -2.14 2.52 -3.22
C PRO A 268 -3.46 2.75 -2.48
N LEU A 269 -4.48 3.30 -3.15
CA LEU A 269 -5.80 3.43 -2.55
C LEU A 269 -6.30 2.11 -2.00
N ASP A 270 -6.09 1.03 -2.75
CA ASP A 270 -6.58 -0.29 -2.34
C ASP A 270 -5.90 -0.77 -1.07
N TYR A 271 -4.71 -0.29 -0.78
CA TYR A 271 -4.17 -0.58 0.55
C TYR A 271 -4.64 0.40 1.63
N ILE A 272 -4.44 1.70 1.37
CA ILE A 272 -4.64 2.73 2.37
C ILE A 272 -6.09 2.87 2.84
N LEU A 273 -7.00 3.03 1.89
CA LEU A 273 -8.40 3.28 2.26
C LEU A 273 -8.97 2.25 3.24
N PRO A 274 -8.87 0.94 2.91
CA PRO A 274 -9.44 -0.01 3.86
C PRO A 274 -8.78 0.06 5.24
N GLU A 275 -7.49 0.33 5.30
CA GLU A 275 -6.83 0.51 6.60
C GLU A 275 -7.43 1.68 7.39
N LEU A 276 -7.65 2.81 6.72
CA LEU A 276 -8.15 3.99 7.42
C LEU A 276 -9.59 3.79 7.82
N LEU A 277 -10.35 3.16 6.94
CA LEU A 277 -11.77 2.91 7.21
C LEU A 277 -11.95 1.97 8.40
N LYS A 278 -11.13 0.93 8.47
CA LYS A 278 -11.20 -0.03 9.55
C LYS A 278 -10.95 0.66 10.88
N ASN A 279 -9.91 1.50 10.92
CA ASN A 279 -9.59 2.31 12.09
C ASN A 279 -10.75 3.16 12.54
N ALA A 280 -11.37 3.86 11.59
CA ALA A 280 -12.44 4.80 11.90
C ALA A 280 -13.66 4.07 12.43
N MET A 281 -14.04 2.99 11.76
CA MET A 281 -15.17 2.15 12.17
C MET A 281 -14.95 1.48 13.53
N ARG A 282 -13.78 0.91 13.73
CA ARG A 282 -13.49 0.28 15.02
C ARG A 282 -13.64 1.32 16.13
N ALA A 283 -13.02 2.48 15.95
CA ALA A 283 -13.06 3.51 16.98
C ALA A 283 -14.50 3.96 17.27
N THR A 284 -15.28 4.16 16.23
CA THR A 284 -16.68 4.54 16.41
C THR A 284 -17.43 3.49 17.25
N MET A 285 -17.30 2.22 16.89
CA MET A 285 -18.03 1.18 17.63
C MET A 285 -17.54 1.10 19.08
N GLU A 286 -16.23 1.03 19.30
CA GLU A 286 -15.71 0.82 20.65
C GLU A 286 -16.00 1.99 21.58
N SER A 287 -16.50 3.09 21.03
CA SER A 287 -16.82 4.25 21.85
C SER A 287 -18.33 4.39 21.93
N HIS A 288 -19.06 3.49 21.29
CA HIS A 288 -20.52 3.53 21.38
C HIS A 288 -21.09 2.18 21.72
N LEU A 289 -20.49 1.52 22.71
CA LEU A 289 -20.84 0.15 23.07
C LEU A 289 -22.24 0.04 23.66
N ASP A 290 -22.84 1.16 24.02
CA ASP A 290 -24.18 1.19 24.59
C ASP A 290 -25.26 1.31 23.51
N THR A 291 -24.87 1.80 22.34
CA THR A 291 -25.83 2.09 21.28
C THR A 291 -25.36 1.61 19.90
N PRO A 292 -24.81 0.38 19.86
CA PRO A 292 -24.26 -0.19 18.61
C PRO A 292 -25.23 -0.04 17.47
N TYR A 293 -26.53 -0.01 17.78
CA TYR A 293 -27.59 0.14 16.78
C TYR A 293 -27.70 1.57 16.26
N ASN A 294 -27.01 2.49 16.93
CA ASN A 294 -27.06 3.89 16.53
C ASN A 294 -25.73 4.58 16.80
N VAL A 295 -24.89 4.66 15.78
CA VAL A 295 -23.57 5.26 15.93
C VAL A 295 -23.41 6.40 14.93
N PRO A 296 -22.54 7.36 15.27
CA PRO A 296 -22.35 8.50 14.36
C PRO A 296 -21.68 8.08 13.05
N ASP A 297 -22.17 8.67 11.96
CA ASP A 297 -21.58 8.51 10.64
C ASP A 297 -20.08 8.79 10.60
N VAL A 298 -19.43 8.17 9.61
CA VAL A 298 -18.11 8.54 9.19
C VAL A 298 -18.30 9.41 7.99
N VAL A 299 -17.59 10.53 7.96
CA VAL A 299 -17.79 11.50 6.90
C VAL A 299 -16.49 11.65 6.13
N ILE A 300 -16.60 11.43 4.82
CA ILE A 300 -15.45 11.47 3.97
C ILE A 300 -15.59 12.60 2.99
N THR A 301 -14.56 13.41 2.89
CA THR A 301 -14.57 14.56 2.01
C THR A 301 -13.49 14.45 0.95
N ILE A 302 -13.89 14.60 -0.32
CA ILE A 302 -12.96 14.55 -1.45
C ILE A 302 -12.67 15.95 -1.91
N ALA A 303 -11.39 16.32 -1.97
CA ALA A 303 -10.98 17.57 -2.57
C ALA A 303 -10.02 17.26 -3.71
N ASN A 304 -10.43 17.67 -4.92
CA ASN A 304 -9.65 17.46 -6.12
C ASN A 304 -9.21 18.78 -6.76
N ASN A 305 -7.91 19.00 -6.81
CA ASN A 305 -7.37 20.20 -7.44
C ASN A 305 -6.28 19.75 -8.41
N ASP A 306 -5.53 20.70 -8.94
CA ASP A 306 -4.52 20.39 -9.95
C ASP A 306 -3.25 19.76 -9.39
N VAL A 307 -2.94 20.07 -8.14
CA VAL A 307 -1.75 19.49 -7.51
C VAL A 307 -1.97 18.08 -6.96
N ASP A 308 -3.04 17.88 -6.20
CA ASP A 308 -3.26 16.60 -5.53
C ASP A 308 -4.70 16.25 -5.30
N LEU A 309 -4.88 15.03 -4.83
CA LEU A 309 -6.16 14.55 -4.39
C LEU A 309 -6.12 14.47 -2.87
N ILE A 310 -7.14 15.00 -2.21
CA ILE A 310 -7.23 14.92 -0.76
C ILE A 310 -8.48 14.16 -0.35
N ILE A 311 -8.30 13.17 0.50
CA ILE A 311 -9.44 12.42 1.03
C ILE A 311 -9.41 12.57 2.54
N ARG A 312 -10.41 13.26 3.09
CA ARG A 312 -10.48 13.42 4.54
C ARG A 312 -11.51 12.48 5.13
N ILE A 313 -11.07 11.70 6.10
CA ILE A 313 -11.92 10.71 6.75
C ILE A 313 -12.15 11.13 8.20
N SER A 314 -13.30 11.72 8.49
CA SER A 314 -13.62 12.20 9.84
C SER A 314 -14.55 11.25 10.57
N ASP A 315 -14.15 10.87 11.77
CA ASP A 315 -15.00 10.01 12.59
C ASP A 315 -15.36 10.71 13.92
N ARG A 316 -16.38 10.21 14.60
CA ARG A 316 -16.73 10.68 15.92
C ARG A 316 -16.45 9.56 16.91
N GLY A 317 -15.31 8.91 16.71
CA GLY A 317 -14.94 7.75 17.52
C GLY A 317 -14.15 8.04 18.77
N GLY A 318 -14.28 9.26 19.29
CA GLY A 318 -13.62 9.64 20.55
C GLY A 318 -12.17 10.10 20.48
N GLY A 319 -11.53 9.96 19.32
CA GLY A 319 -10.19 10.51 19.14
C GLY A 319 -9.07 9.59 19.56
N ILE A 320 -7.83 10.02 19.28
CA ILE A 320 -6.65 9.30 19.73
C ILE A 320 -6.09 9.97 20.97
N ALA A 321 -5.94 9.22 22.05
CA ALA A 321 -5.56 9.79 23.34
C ALA A 321 -4.19 10.42 23.30
N HIS A 322 -4.02 11.50 24.05
CA HIS A 322 -2.71 12.16 24.12
C HIS A 322 -1.58 11.18 24.46
N LYS A 323 -1.86 10.22 25.33
CA LYS A 323 -0.82 9.26 25.72
C LYS A 323 -0.44 8.27 24.61
N ASP A 324 -1.31 8.11 23.60
CA ASP A 324 -1.03 7.22 22.47
C ASP A 324 -0.53 7.96 21.25
N LEU A 325 -0.74 9.26 21.23
CA LEU A 325 -0.44 10.08 20.05
C LEU A 325 0.96 9.85 19.47
N ASP A 326 1.97 9.73 20.31
CA ASP A 326 3.35 9.59 19.82
C ASP A 326 3.65 8.19 19.33
N ARG A 327 2.76 7.26 19.66
CA ARG A 327 2.98 5.84 19.40
C ARG A 327 2.25 5.35 18.15
N VAL A 328 1.12 5.96 17.82
CA VAL A 328 0.27 5.36 16.79
C VAL A 328 0.95 5.23 15.44
N MET A 329 1.94 6.05 15.14
CA MET A 329 2.63 5.91 13.85
C MET A 329 3.81 4.91 13.88
N ASP A 330 4.02 4.25 15.02
CA ASP A 330 5.04 3.23 15.15
C ASP A 330 4.53 1.90 14.64
N TYR A 331 5.32 1.22 13.83
CA TYR A 331 5.04 -0.16 13.51
C TYR A 331 4.86 -1.00 14.77
N HIS A 332 3.93 -1.96 14.73
CA HIS A 332 3.60 -2.85 15.84
C HIS A 332 2.84 -2.17 16.99
N PHE A 333 2.57 -0.86 16.95
CA PHE A 333 1.78 -0.32 18.05
C PHE A 333 0.26 -0.53 17.85
N THR A 334 -0.42 -1.04 18.85
CA THR A 334 -1.87 -1.17 18.71
C THR A 334 -2.55 -1.07 20.08
N THR A 335 -3.80 -0.63 20.10
CA THR A 335 -4.58 -0.65 21.32
C THR A 335 -5.59 -1.79 21.30
N ALA A 336 -5.54 -2.61 20.24
CA ALA A 336 -6.39 -3.80 20.16
C ALA A 336 -5.66 -5.03 20.71
N HIS A 364 -6.38 -5.02 11.98
CA HIS A 364 -7.16 -4.54 13.13
C HIS A 364 -6.47 -4.84 14.47
N GLY A 365 -5.40 -5.64 14.44
CA GLY A 365 -4.64 -5.97 15.64
C GLY A 365 -3.13 -6.08 15.45
N PHE A 366 -2.67 -5.95 14.21
CA PHE A 366 -1.25 -6.08 13.87
C PHE A 366 -0.44 -4.78 14.08
N GLY A 367 -1.11 -3.63 14.06
CA GLY A 367 -0.43 -2.35 14.26
C GLY A 367 0.40 -1.89 13.06
N PHE A 368 0.03 -2.26 11.86
CA PHE A 368 0.78 -1.81 10.68
C PHE A 368 0.04 -0.75 9.84
N GLY A 369 -1.28 -0.68 10.00
CA GLY A 369 -2.13 0.15 9.17
C GLY A 369 -1.64 1.58 8.95
N LEU A 370 -1.45 2.30 10.05
CA LEU A 370 -1.05 3.72 9.98
C LEU A 370 0.36 3.97 9.40
N PRO A 371 1.40 3.30 9.95
CA PRO A 371 2.79 3.47 9.50
C PRO A 371 2.97 3.06 8.04
N THR A 372 2.37 1.94 7.67
CA THR A 372 2.44 1.48 6.30
C THR A 372 1.74 2.49 5.37
N SER A 373 0.52 2.86 5.74
CA SER A 373 -0.24 3.80 4.94
C SER A 373 0.52 5.12 4.75
N ARG A 374 1.14 5.63 5.81
CA ARG A 374 1.89 6.88 5.69
C ARG A 374 3.13 6.72 4.80
N ALA A 375 3.87 5.63 5.01
CA ALA A 375 5.04 5.35 4.20
C ALA A 375 4.66 5.25 2.72
N TYR A 376 3.60 4.52 2.44
CA TYR A 376 3.10 4.44 1.06
C TYR A 376 2.82 5.82 0.47
N ALA A 377 2.09 6.64 1.23
CA ALA A 377 1.66 7.95 0.73
C ALA A 377 2.89 8.80 0.44
N GLU A 378 3.81 8.88 1.41
CA GLU A 378 5.01 9.68 1.22
C GLU A 378 5.86 9.18 0.07
N TYR A 379 5.93 7.85 -0.08
CA TYR A 379 6.68 7.25 -1.17
C TYR A 379 6.17 7.74 -2.52
N LEU A 380 4.86 7.89 -2.62
CA LEU A 380 4.23 8.36 -3.85
C LEU A 380 4.16 9.88 -3.95
N GLY A 381 4.79 10.58 -3.02
CA GLY A 381 4.81 12.04 -3.07
C GLY A 381 3.65 12.72 -2.35
N GLY A 382 2.89 11.98 -1.56
CA GLY A 382 1.79 12.55 -0.82
C GLY A 382 2.11 12.50 0.66
N SER A 383 1.07 12.38 1.48
CA SER A 383 1.24 12.40 2.92
C SER A 383 -0.01 11.86 3.60
N LEU A 384 0.13 11.56 4.88
CA LEU A 384 -0.97 11.08 5.71
C LEU A 384 -0.84 11.79 7.05
N GLN A 385 -1.84 12.61 7.38
CA GLN A 385 -1.77 13.42 8.60
C GLN A 385 -3.00 13.19 9.47
N LEU A 386 -2.77 13.19 10.77
CA LEU A 386 -3.81 12.93 11.74
C LEU A 386 -4.14 14.17 12.54
N GLN A 387 -5.43 14.43 12.74
CA GLN A 387 -5.84 15.46 13.67
C GLN A 387 -6.73 14.83 14.71
N SER A 388 -6.21 14.73 15.95
CA SER A 388 -7.01 14.18 17.02
C SER A 388 -7.81 15.23 17.77
N LEU A 389 -9.12 15.01 17.93
CA LEU A 389 -9.92 15.77 18.88
C LEU A 389 -10.33 14.89 20.06
N GLN A 390 -9.42 14.74 21.01
CA GLN A 390 -9.61 13.85 22.16
C GLN A 390 -10.97 14.10 22.82
N GLY A 391 -11.77 13.03 22.89
CA GLY A 391 -13.10 13.11 23.45
C GLY A 391 -14.17 13.33 22.40
N ILE A 392 -13.77 13.52 21.15
CA ILE A 392 -14.75 13.66 20.08
C ILE A 392 -14.48 12.66 18.96
N GLY A 393 -13.31 12.75 18.35
CA GLY A 393 -13.00 11.89 17.23
C GLY A 393 -11.71 12.28 16.53
N THR A 394 -11.56 11.77 15.31
CA THR A 394 -10.34 11.92 14.59
C THR A 394 -10.61 12.29 13.13
N ASP A 395 -9.80 13.22 12.63
CA ASP A 395 -9.75 13.50 11.21
C ASP A 395 -8.44 12.98 10.61
N VAL A 396 -8.54 12.19 9.54
CA VAL A 396 -7.36 11.67 8.87
C VAL A 396 -7.33 12.23 7.45
N TYR A 397 -6.18 12.79 7.07
CA TYR A 397 -6.04 13.43 5.78
C TYR A 397 -5.07 12.66 4.91
N LEU A 398 -5.60 12.03 3.87
CA LEU A 398 -4.77 11.37 2.88
C LEU A 398 -4.59 12.28 1.66
N ARG A 399 -3.34 12.63 1.37
CA ARG A 399 -3.03 13.40 0.17
C ARG A 399 -2.16 12.55 -0.78
N LEU A 400 -2.56 12.53 -2.04
CA LEU A 400 -1.81 11.82 -3.07
C LEU A 400 -1.66 12.73 -4.28
N ARG A 401 -0.43 12.91 -4.75
CA ARG A 401 -0.16 13.74 -5.92
C ARG A 401 -0.86 13.22 -7.18
N HIS A 402 -1.16 14.12 -8.09
CA HIS A 402 -1.74 13.74 -9.35
C HIS A 402 -0.67 13.24 -10.30
N ILE A 403 -1.10 12.39 -11.21
CA ILE A 403 -0.27 11.93 -12.30
C ILE A 403 0.06 13.10 -13.21
N ASP A 404 1.35 13.38 -13.38
CA ASP A 404 1.77 14.40 -14.32
C ASP A 404 1.46 13.90 -15.74
N GLY A 405 0.44 14.49 -16.35
CA GLY A 405 -0.04 14.05 -17.65
C GLY A 405 -1.15 13.00 -17.53
PB ADP B . -4.21 -1.36 14.45
O1B ADP B . -5.50 -0.85 13.84
O2B ADP B . -4.24 -1.20 15.94
O3B ADP B . -3.81 -2.72 13.92
PA ADP B . -3.04 0.96 13.17
O1A ADP B . -4.09 0.92 12.09
O2A ADP B . -1.68 1.35 12.74
O3A ADP B . -2.95 -0.47 13.94
O5' ADP B . -3.56 1.95 14.34
C5' ADP B . -2.72 2.20 15.46
C4' ADP B . -3.56 2.61 16.65
O4' ADP B . -3.99 3.96 16.48
C3' ADP B . -4.83 1.79 16.81
O3' ADP B . -4.56 0.62 17.57
C2' ADP B . -5.73 2.76 17.55
O2' ADP B . -5.37 2.82 18.94
C1' ADP B . -5.30 4.12 17.03
N9 ADP B . -6.17 4.65 15.95
C8 ADP B . -5.93 4.57 14.62
N7 ADP B . -6.90 5.20 13.91
C5 ADP B . -7.79 5.70 14.80
C6 ADP B . -9.05 6.47 14.75
N6 ADP B . -9.58 6.85 13.56
N1 ADP B . -9.65 6.77 15.92
C2 ADP B . -9.15 6.40 17.11
N3 ADP B . -8.00 5.70 17.24
C4 ADP B . -7.29 5.34 16.15
MG MG C . -5.67 -0.53 11.66
K K D . 0.62 1.43 14.63
CA CLT E . 9.15 -8.01 -3.20
CB1 CLT E . 9.15 -8.30 -4.69
CG CLT E . 9.17 -9.77 -5.12
CD CLT E . 9.05 -9.61 -6.61
CE1 CLT E . 7.80 -9.54 -7.20
CE2 CLT E . 10.19 -9.42 -7.38
CZ1 CLT E . 7.69 -9.32 -8.57
CZ2 CLT E . 10.08 -9.18 -8.75
CH CLT E . 8.83 -9.14 -9.35
CB2 CLT E . 7.86 -8.48 -2.56
OG1 CLT E . 7.94 -8.85 -1.37
OG2 CLT E . 6.80 -8.49 -3.22
#